data_4CCU
#
_entry.id   4CCU
#
_cell.length_a   51.545
_cell.length_b   57.335
_cell.length_c   104.972
_cell.angle_alpha   90.00
_cell.angle_beta   90.00
_cell.angle_gamma   90.00
#
_symmetry.space_group_name_H-M   'P 21 21 21'
#
loop_
_entity.id
_entity.type
_entity.pdbx_description
1 polymer 'ALK TYROSINE KINASE RECEPTOR'
2 non-polymer 2-(5-(6-amino-5-((R)-1-(5-fluoro-2-(2H-1,2,3-triazol-2-yl)phenyl)ethoxy)pyridin-3-yl)-4-methylthiazol-2-yl)propan-2-ol
3 water water
#
_entity_poly.entity_id   1
_entity_poly.type   'polypeptide(L)'
_entity_poly.pdbx_seq_one_letter_code
;MAHHHHHHNPNYCFAGKTSSISDLKEVPRKNITLIRGLGHGAFGEVYEGQVSGMPNDPSPLQVAVKTLPEVCSEQDELDF
LMEALIISKFNHQNIVRCIGVSLQSLPRFILLELMAGGDLKSFLRETRPRPSQPSSLAMLDLLHVARDIACGCQYLEENH
FIHRDIAARNCLLTCPGPGRVAKIGDFGMARDIYRASYYRKGGCAMLPVKWMPPEAFMEGIFTSKTDTWSFGVLLWEIFS
LGYMPYPSKSNQEVLEFVTSGGRMDPPKNCPGPVYRIMTQCWQHQPEDRPNFAIILERIEYCTQDPDVINTALPIEYGPL
VEEEEKV
;
_entity_poly.pdbx_strand_id   A
#
# COMPACT_ATOMS: atom_id res chain seq x y z
N ASN A 9 26.30 -9.97 -5.21
CA ASN A 9 24.99 -9.53 -5.78
C ASN A 9 23.91 -10.60 -5.57
N PRO A 10 22.83 -10.23 -4.86
CA PRO A 10 21.69 -11.10 -4.55
C PRO A 10 20.84 -11.47 -5.77
N ASN A 11 20.21 -12.64 -5.71
CA ASN A 11 19.28 -13.09 -6.75
C ASN A 11 17.84 -12.79 -6.36
N TYR A 12 16.95 -12.76 -7.34
CA TYR A 12 15.53 -12.56 -7.09
C TYR A 12 14.69 -13.26 -8.15
N CYS A 13 13.67 -14.00 -7.71
CA CYS A 13 12.78 -14.70 -8.64
C CYS A 13 11.36 -14.16 -8.51
N PHE A 14 10.78 -13.79 -9.65
CA PHE A 14 9.39 -13.39 -9.70
C PHE A 14 8.77 -13.85 -11.01
N ALA A 15 7.53 -14.32 -10.94
CA ALA A 15 6.86 -14.85 -12.12
C ALA A 15 7.77 -15.86 -12.79
N GLY A 16 8.48 -16.63 -11.96
CA GLY A 16 9.44 -17.59 -12.48
C GLY A 16 10.83 -16.99 -12.64
N LYS A 17 10.99 -16.18 -13.69
CA LYS A 17 12.30 -15.70 -14.10
C LYS A 17 13.14 -15.14 -12.95
N THR A 18 14.44 -15.45 -12.99
CA THR A 18 15.38 -14.96 -11.99
C THR A 18 16.09 -13.72 -12.53
N SER A 19 16.34 -12.76 -11.65
CA SER A 19 17.05 -11.56 -12.05
C SER A 19 18.12 -11.18 -11.05
N SER A 20 19.00 -10.28 -11.46
CA SER A 20 20.16 -9.92 -10.67
C SER A 20 20.33 -8.40 -10.73
N ILE A 21 21.22 -7.87 -9.91
CA ILE A 21 21.51 -6.44 -9.94
C ILE A 21 21.90 -5.97 -11.34
N SER A 22 22.47 -6.86 -12.14
CA SER A 22 22.86 -6.52 -13.51
C SER A 22 21.66 -6.16 -14.39
N ASP A 23 20.49 -6.66 -14.01
CA ASP A 23 19.29 -6.43 -14.82
C ASP A 23 18.65 -5.06 -14.54
N LEU A 24 19.05 -4.44 -13.43
CA LEU A 24 18.52 -3.12 -13.08
C LEU A 24 19.01 -2.09 -14.09
N LYS A 25 18.14 -1.14 -14.45
CA LYS A 25 18.51 -0.10 -15.39
C LYS A 25 19.25 1.02 -14.67
N GLU A 26 20.56 1.08 -14.87
CA GLU A 26 21.38 2.11 -14.23
C GLU A 26 21.24 3.42 -14.97
N VAL A 27 20.86 4.46 -14.25
CA VAL A 27 20.78 5.80 -14.82
C VAL A 27 22.01 6.58 -14.44
N PRO A 28 22.70 7.17 -15.44
CA PRO A 28 23.91 7.94 -15.13
C PRO A 28 23.63 9.06 -14.12
N ARG A 29 24.49 9.15 -13.11
CA ARG A 29 24.23 10.04 -11.99
C ARG A 29 24.10 11.48 -12.46
N LYS A 30 24.85 11.83 -13.51
CA LYS A 30 24.85 13.20 -14.01
C LYS A 30 23.51 13.63 -14.60
N ASN A 31 22.68 12.66 -14.98
CA ASN A 31 21.38 12.97 -15.54
C ASN A 31 20.34 13.22 -14.45
N ILE A 32 20.74 13.03 -13.20
CA ILE A 32 19.81 13.07 -12.07
C ILE A 32 19.99 14.33 -11.22
N THR A 33 18.91 15.10 -11.07
CA THR A 33 18.93 16.29 -10.22
C THR A 33 17.87 16.22 -9.13
N LEU A 34 18.29 16.45 -7.89
CA LEU A 34 17.36 16.49 -6.75
C LEU A 34 16.69 17.86 -6.62
N ILE A 35 15.40 17.86 -6.31
CA ILE A 35 14.63 19.09 -6.26
C ILE A 35 14.24 19.49 -4.84
N ARG A 36 13.65 18.56 -4.09
CA ARG A 36 13.17 18.83 -2.75
C ARG A 36 12.99 17.54 -1.98
N GLY A 37 13.13 17.61 -0.66
CA GLY A 37 12.83 16.46 0.17
C GLY A 37 11.34 16.16 0.19
N LEU A 38 11.00 14.91 0.42
CA LEU A 38 9.59 14.51 0.54
C LEU A 38 9.34 13.92 1.94
N GLY A 39 10.38 13.31 2.50
CA GLY A 39 10.25 12.73 3.83
C GLY A 39 11.28 11.66 4.09
N HIS A 40 11.70 11.52 5.34
CA HIS A 40 12.68 10.52 5.73
C HIS A 40 12.10 9.53 6.73
N GLY A 44 15.76 5.90 5.25
CA GLY A 44 16.50 6.92 4.52
C GLY A 44 15.59 7.99 3.96
N GLU A 45 16.19 8.99 3.31
CA GLU A 45 15.43 10.11 2.76
C GLU A 45 14.90 9.83 1.37
N VAL A 46 13.79 10.48 1.04
CA VAL A 46 13.23 10.43 -0.30
C VAL A 46 13.13 11.85 -0.82
N TYR A 47 13.55 12.06 -2.07
CA TYR A 47 13.50 13.38 -2.68
C TYR A 47 12.63 13.36 -3.92
N GLU A 48 12.11 14.52 -4.30
CA GLU A 48 11.57 14.68 -5.64
C GLU A 48 12.73 15.01 -6.55
N GLY A 49 12.77 14.40 -7.73
CA GLY A 49 13.88 14.61 -8.64
C GLY A 49 13.47 14.66 -10.09
N GLN A 50 14.46 14.92 -10.95
CA GLN A 50 14.27 14.88 -12.40
C GLN A 50 15.41 14.10 -13.03
N VAL A 51 15.12 13.39 -14.12
CA VAL A 51 16.15 12.67 -14.86
C VAL A 51 16.16 13.12 -16.32
N PRO A 60 11.86 16.19 -19.52
CA PRO A 60 12.53 15.65 -18.34
C PRO A 60 11.58 14.88 -17.42
N LEU A 61 11.91 13.62 -17.18
CA LEU A 61 11.08 12.77 -16.34
C LEU A 61 11.16 13.17 -14.87
N GLN A 62 10.00 13.37 -14.25
CA GLN A 62 9.94 13.67 -12.83
C GLN A 62 9.93 12.37 -12.04
N VAL A 63 10.77 12.30 -11.01
CA VAL A 63 10.95 11.06 -10.29
C VAL A 63 10.92 11.28 -8.78
N ALA A 64 10.59 10.22 -8.04
CA ALA A 64 10.85 10.18 -6.62
C ALA A 64 12.14 9.40 -6.40
N VAL A 65 13.04 9.98 -5.62
CA VAL A 65 14.36 9.39 -5.44
C VAL A 65 14.50 8.84 -4.04
N LYS A 66 14.56 7.51 -3.96
CA LYS A 66 14.75 6.83 -2.69
C LYS A 66 16.25 6.62 -2.52
N THR A 67 16.80 7.07 -1.40
CA THR A 67 18.25 7.06 -1.20
C THR A 67 18.67 6.07 -0.12
N LEU A 68 19.88 5.55 -0.26
CA LEU A 68 20.49 4.68 0.74
C LEU A 68 21.55 5.48 1.50
N PRO A 69 21.37 5.66 2.82
CA PRO A 69 22.37 6.38 3.61
C PRO A 69 23.75 5.78 3.43
N GLU A 70 24.74 6.64 3.18
CA GLU A 70 26.09 6.17 2.95
C GLU A 70 26.60 5.44 4.19
N VAL A 71 26.07 5.80 5.34
CA VAL A 71 26.37 5.10 6.58
C VAL A 71 25.27 4.10 6.92
N CYS A 72 25.47 2.85 6.53
CA CYS A 72 24.48 1.80 6.78
C CYS A 72 25.14 0.44 6.91
N SER A 73 24.39 -0.53 7.42
CA SER A 73 24.88 -1.90 7.54
C SER A 73 24.78 -2.62 6.21
N GLU A 74 25.57 -3.68 6.04
CA GLU A 74 25.53 -4.47 4.82
C GLU A 74 24.16 -5.07 4.61
N GLN A 75 23.46 -5.32 5.72
CA GLN A 75 22.09 -5.83 5.65
C GLN A 75 21.18 -4.76 5.05
N ASP A 76 21.43 -3.50 5.42
CA ASP A 76 20.66 -2.39 4.87
C ASP A 76 20.88 -2.26 3.38
N GLU A 77 22.14 -2.45 2.96
CA GLU A 77 22.47 -2.44 1.54
C GLU A 77 21.73 -3.54 0.80
N LEU A 78 21.76 -4.76 1.33
CA LEU A 78 21.09 -5.88 0.68
C LEU A 78 19.60 -5.64 0.59
N ASP A 79 19.02 -5.09 1.65
CA ASP A 79 17.59 -4.76 1.66
C ASP A 79 17.27 -3.78 0.54
N PHE A 80 18.15 -2.79 0.36
CA PHE A 80 17.94 -1.73 -0.63
C PHE A 80 18.00 -2.30 -2.04
N LEU A 81 19.02 -3.10 -2.33
CA LEU A 81 19.12 -3.76 -3.62
C LEU A 81 17.91 -4.63 -3.90
N MET A 82 17.44 -5.35 -2.89
CA MET A 82 16.35 -6.30 -3.07
C MET A 82 15.05 -5.59 -3.42
N GLU A 83 14.76 -4.46 -2.78
CA GLU A 83 13.52 -3.78 -3.10
C GLU A 83 13.58 -3.17 -4.50
N ALA A 84 14.78 -2.81 -4.94
CA ALA A 84 14.97 -2.38 -6.33
C ALA A 84 14.60 -3.50 -7.29
N LEU A 85 15.12 -4.70 -7.02
CA LEU A 85 14.81 -5.88 -7.84
C LEU A 85 13.32 -6.17 -7.82
N ILE A 86 12.72 -6.09 -6.65
CA ILE A 86 11.31 -6.41 -6.51
C ILE A 86 10.44 -5.48 -7.36
N ILE A 87 10.61 -4.17 -7.19
CA ILE A 87 9.75 -3.23 -7.88
C ILE A 87 10.01 -3.21 -9.38
N SER A 88 11.27 -3.32 -9.80
CA SER A 88 11.58 -3.30 -11.22
C SER A 88 10.94 -4.47 -11.98
N LYS A 89 10.66 -5.57 -11.28
CA LYS A 89 10.13 -6.76 -11.94
C LYS A 89 8.60 -6.79 -12.07
N PHE A 90 7.91 -5.93 -11.33
CA PHE A 90 6.46 -5.80 -11.48
C PHE A 90 6.13 -5.04 -12.76
N ASN A 91 5.02 -5.41 -13.39
CA ASN A 91 4.48 -4.69 -14.53
C ASN A 91 2.97 -4.61 -14.44
N HIS A 92 2.47 -3.59 -13.75
CA HIS A 92 1.03 -3.43 -13.58
C HIS A 92 0.69 -1.98 -13.33
N GLN A 93 -0.48 -1.55 -13.78
CA GLN A 93 -0.86 -0.13 -13.71
C GLN A 93 -1.10 0.35 -12.29
N ASN A 94 -1.33 -0.55 -11.35
CA ASN A 94 -1.60 -0.15 -9.97
C ASN A 94 -0.44 -0.51 -9.06
N ILE A 95 0.74 -0.66 -9.64
CA ILE A 95 1.97 -0.74 -8.87
C ILE A 95 2.96 0.28 -9.42
N VAL A 96 3.53 1.08 -8.52
CA VAL A 96 4.38 2.19 -8.91
C VAL A 96 5.53 1.70 -9.79
N ARG A 97 5.85 2.47 -10.83
CA ARG A 97 6.91 2.07 -11.74
C ARG A 97 8.27 2.47 -11.19
N CYS A 98 9.29 1.68 -11.53
CA CYS A 98 10.67 2.04 -11.24
C CYS A 98 11.31 2.50 -12.55
N ILE A 99 11.73 3.75 -12.58
CA ILE A 99 12.39 4.32 -13.75
C ILE A 99 13.79 3.73 -13.92
N GLY A 100 14.44 3.45 -12.79
CA GLY A 100 15.78 2.89 -12.84
C GLY A 100 16.45 3.00 -11.48
N VAL A 101 17.76 2.79 -11.45
CA VAL A 101 18.54 2.97 -10.23
C VAL A 101 19.81 3.76 -10.56
N SER A 102 20.45 4.27 -9.52
CA SER A 102 21.80 4.78 -9.64
C SER A 102 22.59 4.17 -8.50
N LEU A 103 23.24 3.05 -8.76
CA LEU A 103 23.89 2.27 -7.72
C LEU A 103 25.41 2.48 -7.75
N GLN A 104 25.91 3.04 -8.86
CA GLN A 104 27.34 3.18 -9.08
C GLN A 104 27.86 4.52 -8.59
N SER A 105 27.05 5.22 -7.79
CA SER A 105 27.49 6.43 -7.12
C SER A 105 26.86 6.48 -5.73
N LEU A 106 27.50 7.18 -4.81
CA LEU A 106 27.02 7.25 -3.43
C LEU A 106 26.51 8.65 -3.13
N PRO A 107 25.38 8.76 -2.41
CA PRO A 107 24.55 7.63 -1.97
C PRO A 107 23.80 6.99 -3.13
N ARG A 108 23.47 5.71 -2.98
CA ARG A 108 22.77 4.97 -4.02
C ARG A 108 21.32 5.41 -4.11
N PHE A 109 20.78 5.44 -5.33
CA PHE A 109 19.40 5.87 -5.58
C PHE A 109 18.55 4.72 -6.16
N ILE A 110 17.29 4.67 -5.74
CA ILE A 110 16.26 4.00 -6.51
C ILE A 110 15.31 5.05 -7.05
N LEU A 111 15.05 5.00 -8.36
CA LEU A 111 14.25 6.01 -9.03
C LEU A 111 12.83 5.50 -9.30
N LEU A 112 11.84 6.12 -8.67
CA LEU A 112 10.45 5.70 -8.85
C LEU A 112 9.61 6.76 -9.60
N GLU A 113 8.57 6.28 -10.28
CA GLU A 113 7.50 7.13 -10.80
C GLU A 113 7.05 8.12 -9.71
N LEU A 114 7.04 9.42 -10.03
CA LEU A 114 6.66 10.43 -9.05
C LEU A 114 5.14 10.53 -9.02
N MET A 115 4.55 10.16 -7.89
CA MET A 115 3.10 10.17 -7.75
C MET A 115 2.69 11.48 -7.10
N ALA A 116 2.23 12.42 -7.93
CA ALA A 116 2.05 13.79 -7.48
C ALA A 116 0.95 13.92 -6.43
N GLY A 117 0.09 12.90 -6.34
CA GLY A 117 -0.97 12.92 -5.35
C GLY A 117 -0.50 12.58 -3.95
N GLY A 118 0.75 12.14 -3.83
CA GLY A 118 1.26 11.79 -2.51
C GLY A 118 0.69 10.47 -2.00
N ASP A 119 0.92 10.18 -0.72
CA ASP A 119 0.48 8.91 -0.16
C ASP A 119 -1.00 8.96 0.17
N LEU A 120 -1.65 7.81 0.21
CA LEU A 120 -3.09 7.74 0.39
C LEU A 120 -3.54 8.23 1.76
N LYS A 121 -2.80 7.88 2.81
CA LYS A 121 -3.22 8.24 4.17
C LYS A 121 -3.24 9.76 4.35
N SER A 122 -2.21 10.45 3.86
CA SER A 122 -2.15 11.90 3.94
C SER A 122 -3.26 12.52 3.08
N PHE A 123 -3.46 11.96 1.89
CA PHE A 123 -4.51 12.43 1.00
C PHE A 123 -5.87 12.40 1.66
N LEU A 124 -6.22 11.26 2.26
CA LEU A 124 -7.52 11.11 2.92
C LEU A 124 -7.65 12.11 4.06
N ARG A 125 -6.58 12.28 4.84
CA ARG A 125 -6.64 13.20 5.96
C ARG A 125 -6.80 14.64 5.48
N GLU A 126 -6.03 15.02 4.47
CA GLU A 126 -6.05 16.40 3.97
C GLU A 126 -7.26 16.72 3.10
N THR A 127 -7.95 15.71 2.60
CA THR A 127 -8.99 15.94 1.62
C THR A 127 -10.39 15.62 2.17
N ARG A 128 -10.45 15.28 3.45
CA ARG A 128 -11.73 15.08 4.12
C ARG A 128 -12.65 16.26 3.80
N PRO A 129 -13.89 15.96 3.40
CA PRO A 129 -14.84 17.07 3.21
C PRO A 129 -15.01 17.89 4.47
N ARG A 130 -15.19 19.20 4.28
CA ARG A 130 -15.31 20.13 5.39
C ARG A 130 -16.31 21.22 5.01
N PRO A 131 -16.62 22.13 5.93
CA PRO A 131 -17.55 23.21 5.58
C PRO A 131 -17.07 24.00 4.35
N SER A 132 -15.76 24.16 4.25
CA SER A 132 -15.16 24.88 3.11
C SER A 132 -15.29 24.07 1.82
N GLN A 133 -15.07 22.76 1.92
CA GLN A 133 -15.21 21.87 0.76
C GLN A 133 -16.12 20.70 1.11
N PRO A 134 -17.44 20.90 1.00
CA PRO A 134 -18.44 19.93 1.44
C PRO A 134 -18.44 18.63 0.65
N SER A 135 -18.07 18.72 -0.62
CA SER A 135 -18.10 17.58 -1.51
C SER A 135 -16.75 17.33 -2.15
N SER A 136 -15.68 17.71 -1.44
CA SER A 136 -14.32 17.50 -1.91
C SER A 136 -14.09 16.03 -2.26
N LEU A 137 -14.84 15.16 -1.59
CA LEU A 137 -14.68 13.72 -1.81
C LEU A 137 -16.04 13.06 -1.70
N ALA A 138 -16.25 12.02 -2.51
CA ALA A 138 -17.50 11.29 -2.49
C ALA A 138 -17.23 9.79 -2.36
N MET A 139 -18.27 9.04 -2.09
CA MET A 139 -18.15 7.60 -1.90
C MET A 139 -17.53 6.95 -3.14
N LEU A 140 -17.88 7.45 -4.32
CA LEU A 140 -17.36 6.85 -5.55
C LEU A 140 -15.84 7.03 -5.68
N ASP A 141 -15.31 8.16 -5.20
CA ASP A 141 -13.87 8.38 -5.19
C ASP A 141 -13.16 7.33 -4.32
N LEU A 142 -13.76 7.01 -3.18
CA LEU A 142 -13.19 6.03 -2.27
C LEU A 142 -13.25 4.64 -2.90
N LEU A 143 -14.37 4.34 -3.54
CA LEU A 143 -14.52 3.05 -4.21
C LEU A 143 -13.52 2.86 -5.35
N HIS A 144 -13.20 3.94 -6.06
CA HIS A 144 -12.21 3.85 -7.13
C HIS A 144 -10.81 3.61 -6.60
N VAL A 145 -10.45 4.30 -5.51
CA VAL A 145 -9.19 4.00 -4.85
C VAL A 145 -9.16 2.54 -4.42
N ALA A 146 -10.22 2.09 -3.75
CA ALA A 146 -10.30 0.72 -3.26
C ALA A 146 -10.12 -0.28 -4.42
N ARG A 147 -10.81 -0.02 -5.52
CA ARG A 147 -10.73 -0.88 -6.69
C ARG A 147 -9.32 -0.91 -7.28
N ASP A 148 -8.69 0.26 -7.35
CA ASP A 148 -7.34 0.36 -7.89
C ASP A 148 -6.37 -0.51 -7.12
N ILE A 149 -6.40 -0.42 -5.78
CA ILE A 149 -5.48 -1.19 -4.96
C ILE A 149 -5.81 -2.68 -5.02
N ALA A 150 -7.10 -3.02 -5.02
CA ALA A 150 -7.50 -4.42 -5.14
C ALA A 150 -7.01 -5.02 -6.45
N CYS A 151 -6.96 -4.20 -7.50
CA CYS A 151 -6.47 -4.68 -8.78
C CYS A 151 -4.97 -4.95 -8.70
N GLY A 152 -4.26 -4.09 -7.98
CA GLY A 152 -2.85 -4.34 -7.73
C GLY A 152 -2.65 -5.61 -6.91
N CYS A 153 -3.47 -5.79 -5.89
CA CYS A 153 -3.37 -6.97 -5.05
C CYS A 153 -3.69 -8.25 -5.81
N GLN A 154 -4.66 -8.18 -6.72
CA GLN A 154 -5.01 -9.33 -7.55
C GLN A 154 -3.82 -9.72 -8.43
N TYR A 155 -3.13 -8.74 -8.99
CA TYR A 155 -1.94 -8.99 -9.79
C TYR A 155 -0.87 -9.70 -8.96
N LEU A 156 -0.66 -9.23 -7.73
CA LEU A 156 0.33 -9.84 -6.86
C LEU A 156 -0.09 -11.27 -6.51
N GLU A 157 -1.37 -11.44 -6.20
CA GLU A 157 -1.90 -12.75 -5.84
C GLU A 157 -1.69 -13.74 -6.98
N GLU A 158 -2.05 -13.36 -8.20
CA GLU A 158 -1.95 -14.29 -9.31
C GLU A 158 -0.50 -14.57 -9.71
N ASN A 159 0.42 -13.73 -9.23
CA ASN A 159 1.85 -13.98 -9.40
C ASN A 159 2.48 -14.51 -8.12
N HIS A 160 1.64 -14.90 -7.17
CA HIS A 160 2.09 -15.56 -5.94
C HIS A 160 3.10 -14.71 -5.18
N PHE A 161 2.90 -13.40 -5.17
CA PHE A 161 3.68 -12.51 -4.33
C PHE A 161 2.83 -12.05 -3.14
N ILE A 162 3.33 -12.26 -1.94
CA ILE A 162 2.59 -11.85 -0.74
C ILE A 162 3.19 -10.54 -0.24
N HIS A 163 2.37 -9.51 -0.14
CA HIS A 163 2.86 -8.19 0.17
C HIS A 163 3.17 -8.03 1.66
N ARG A 164 2.24 -8.46 2.51
CA ARG A 164 2.47 -8.50 3.96
C ARG A 164 2.27 -7.17 4.68
N ASP A 165 2.12 -6.07 3.94
CA ASP A 165 1.89 -4.78 4.59
C ASP A 165 0.96 -3.87 3.78
N ILE A 166 -0.16 -4.41 3.33
CA ILE A 166 -1.15 -3.62 2.60
C ILE A 166 -1.81 -2.66 3.57
N ALA A 167 -1.55 -1.36 3.37
CA ALA A 167 -2.01 -0.33 4.30
C ALA A 167 -1.97 1.03 3.62
N ALA A 168 -2.80 1.96 4.07
CA ALA A 168 -2.95 3.23 3.37
C ALA A 168 -1.62 3.97 3.24
N ARG A 169 -0.73 3.81 4.22
CA ARG A 169 0.55 4.53 4.22
C ARG A 169 1.44 4.03 3.09
N ASN A 170 1.11 2.86 2.55
CA ASN A 170 1.94 2.24 1.53
C ASN A 170 1.39 2.39 0.12
N CYS A 171 0.32 3.18 -0.02
CA CYS A 171 -0.29 3.46 -1.31
C CYS A 171 -0.10 4.92 -1.72
N LEU A 172 -0.03 5.15 -3.03
CA LEU A 172 0.23 6.46 -3.60
C LEU A 172 -0.84 6.83 -4.63
N LEU A 173 -0.97 8.13 -4.91
CA LEU A 173 -1.95 8.61 -5.88
C LEU A 173 -1.27 9.42 -6.98
N THR A 174 -1.72 9.24 -8.22
CA THR A 174 -1.11 9.92 -9.36
C THR A 174 -1.37 11.42 -9.33
N CYS A 175 -2.54 11.83 -8.84
CA CYS A 175 -2.86 13.25 -8.73
C CYS A 175 -3.96 13.47 -7.70
N PRO A 176 -4.14 14.73 -7.26
CA PRO A 176 -5.17 15.10 -6.28
C PRO A 176 -6.58 15.02 -6.85
N GLY A 177 -6.71 15.26 -8.15
CA GLY A 177 -8.02 15.43 -8.75
C GLY A 177 -8.79 14.14 -9.00
N PRO A 178 -10.00 14.25 -9.57
CA PRO A 178 -10.92 13.13 -9.81
C PRO A 178 -10.35 12.00 -10.66
N GLY A 179 -9.36 12.33 -11.50
CA GLY A 179 -8.77 11.32 -12.35
C GLY A 179 -7.70 10.47 -11.66
N ARG A 180 -7.51 10.69 -10.37
CA ARG A 180 -6.43 10.04 -9.64
C ARG A 180 -6.42 8.52 -9.84
N VAL A 181 -5.23 7.93 -9.85
CA VAL A 181 -5.09 6.48 -9.83
C VAL A 181 -4.27 6.07 -8.62
N ALA A 182 -4.77 5.10 -7.86
CA ALA A 182 -4.07 4.60 -6.69
C ALA A 182 -3.17 3.42 -7.06
N LYS A 183 -1.99 3.36 -6.45
CA LYS A 183 -1.05 2.29 -6.71
C LYS A 183 -0.37 1.89 -5.41
N ILE A 184 0.07 0.63 -5.33
CA ILE A 184 0.89 0.19 -4.22
C ILE A 184 2.30 0.71 -4.46
N GLY A 185 2.85 1.41 -3.47
CA GLY A 185 4.09 2.13 -3.71
C GLY A 185 5.28 1.69 -2.87
N ASP A 186 5.03 0.85 -1.88
CA ASP A 186 6.11 0.40 -1.00
C ASP A 186 6.09 -1.11 -0.82
N PHE A 187 7.28 -1.71 -0.83
CA PHE A 187 7.42 -3.16 -0.66
C PHE A 187 8.51 -3.49 0.36
N GLY A 188 8.62 -2.68 1.41
CA GLY A 188 9.69 -2.85 2.36
C GLY A 188 9.52 -4.03 3.29
N MET A 189 8.27 -4.41 3.55
CA MET A 189 7.98 -5.52 4.44
C MET A 189 8.25 -6.86 3.76
N ALA A 190 7.76 -7.01 2.53
CA ALA A 190 7.99 -8.23 1.76
C ALA A 190 9.49 -8.40 1.52
N ARG A 191 10.20 -7.27 1.51
CA ARG A 191 11.64 -7.26 1.28
C ARG A 191 12.38 -7.86 2.48
N ASP A 192 11.99 -7.43 3.68
CA ASP A 192 12.63 -7.90 4.91
C ASP A 192 12.52 -9.41 5.05
N ILE A 193 11.34 -9.95 4.80
CA ILE A 193 11.09 -11.38 4.99
C ILE A 193 11.75 -12.21 3.89
N TYR A 194 11.85 -11.65 2.69
CA TYR A 194 12.51 -12.32 1.58
C TYR A 194 14.01 -12.42 1.86
N ARG A 195 14.54 -11.39 2.54
CA ARG A 195 15.95 -11.31 2.88
C ARG A 195 16.82 -10.97 1.67
N GLY A 202 14.45 -5.85 12.82
CA GLY A 202 13.13 -6.43 13.01
C GLY A 202 12.71 -6.40 14.47
N GLY A 203 11.40 -6.35 14.70
CA GLY A 203 10.88 -6.31 16.06
C GLY A 203 9.37 -6.39 16.11
N CYS A 204 8.85 -6.77 17.28
CA CYS A 204 7.41 -6.96 17.45
C CYS A 204 6.65 -5.64 17.39
N ALA A 205 7.16 -4.63 18.11
CA ALA A 205 6.50 -3.33 18.17
C ALA A 205 6.61 -2.60 16.83
N MET A 206 7.21 -3.27 15.85
CA MET A 206 7.32 -2.73 14.50
C MET A 206 6.46 -3.48 13.49
N LEU A 207 6.19 -4.75 13.76
CA LEU A 207 5.27 -5.52 12.92
C LEU A 207 3.92 -4.80 12.87
N PRO A 208 3.34 -4.69 11.67
CA PRO A 208 2.07 -3.98 11.51
C PRO A 208 0.89 -4.83 12.02
N VAL A 209 0.86 -5.08 13.32
CA VAL A 209 -0.09 -6.04 13.87
C VAL A 209 -1.53 -5.65 13.59
N LYS A 210 -1.80 -4.36 13.48
CA LYS A 210 -3.17 -3.89 13.24
C LYS A 210 -3.65 -4.22 11.83
N TRP A 211 -2.72 -4.60 10.94
CA TRP A 211 -3.09 -5.00 9.60
C TRP A 211 -2.97 -6.52 9.37
N MET A 212 -2.67 -7.26 10.43
CA MET A 212 -2.36 -8.69 10.27
C MET A 212 -3.45 -9.61 10.78
N PRO A 213 -3.73 -10.70 10.04
CA PRO A 213 -4.64 -11.76 10.48
C PRO A 213 -4.03 -12.59 11.61
N PRO A 214 -4.87 -13.32 12.36
CA PRO A 214 -4.42 -14.09 13.51
C PRO A 214 -3.29 -15.08 13.20
N GLU A 215 -3.44 -15.86 12.13
CA GLU A 215 -2.42 -16.85 11.82
C GLU A 215 -1.08 -16.20 11.47
N ALA A 216 -1.13 -14.95 11.02
CA ALA A 216 0.09 -14.22 10.70
C ALA A 216 0.86 -13.84 11.97
N PHE A 217 0.22 -13.11 12.88
CA PHE A 217 0.94 -12.68 14.07
C PHE A 217 1.06 -13.76 15.14
N MET A 218 0.26 -14.81 15.05
CA MET A 218 0.37 -15.93 15.98
C MET A 218 1.40 -16.97 15.53
N GLU A 219 1.32 -17.37 14.26
CA GLU A 219 2.08 -18.51 13.76
C GLU A 219 3.15 -18.13 12.74
N GLY A 220 3.12 -16.87 12.31
CA GLY A 220 4.07 -16.44 11.30
C GLY A 220 3.74 -17.02 9.95
N ILE A 221 2.51 -17.49 9.79
CA ILE A 221 2.07 -18.03 8.50
C ILE A 221 1.54 -16.94 7.60
N PHE A 222 2.12 -16.84 6.41
CA PHE A 222 1.69 -15.88 5.40
C PHE A 222 1.28 -16.63 4.13
N THR A 223 0.11 -16.28 3.61
CA THR A 223 -0.38 -16.82 2.35
C THR A 223 -1.03 -15.68 1.60
N SER A 224 -1.57 -15.96 0.42
CA SER A 224 -2.30 -14.94 -0.33
C SER A 224 -3.45 -14.40 0.50
N LYS A 225 -3.96 -15.23 1.41
CA LYS A 225 -5.09 -14.82 2.24
C LYS A 225 -4.66 -13.89 3.35
N THR A 226 -3.35 -13.70 3.49
CA THR A 226 -2.82 -12.68 4.40
C THR A 226 -3.21 -11.31 3.89
N ASP A 227 -2.98 -11.08 2.59
CA ASP A 227 -3.22 -9.79 1.99
C ASP A 227 -4.71 -9.45 1.94
N THR A 228 -5.56 -10.47 1.81
CA THR A 228 -7.00 -10.23 1.87
C THR A 228 -7.42 -9.59 3.20
N TRP A 229 -6.92 -10.13 4.30
CA TRP A 229 -7.24 -9.55 5.62
C TRP A 229 -6.77 -8.11 5.68
N SER A 230 -5.52 -7.87 5.32
CA SER A 230 -4.94 -6.54 5.36
C SER A 230 -5.74 -5.58 4.48
N PHE A 231 -6.22 -6.05 3.34
CA PHE A 231 -7.00 -5.20 2.45
C PHE A 231 -8.31 -4.75 3.11
N GLY A 232 -8.92 -5.64 3.88
CA GLY A 232 -10.08 -5.25 4.67
C GLY A 232 -9.78 -4.10 5.60
N VAL A 233 -8.64 -4.15 6.28
CA VAL A 233 -8.20 -3.05 7.13
C VAL A 233 -7.93 -1.78 6.33
N LEU A 234 -7.23 -1.89 5.19
CA LEU A 234 -7.08 -0.74 4.30
C LEU A 234 -8.44 -0.15 3.91
N LEU A 235 -9.40 -1.02 3.59
CA LEU A 235 -10.75 -0.57 3.24
C LEU A 235 -11.32 0.30 4.35
N TRP A 236 -11.10 -0.13 5.59
CA TRP A 236 -11.58 0.62 6.74
C TRP A 236 -10.89 1.97 6.81
N GLU A 237 -9.59 1.97 6.55
CA GLU A 237 -8.82 3.21 6.57
C GLU A 237 -9.35 4.20 5.55
N ILE A 238 -9.67 3.69 4.36
CA ILE A 238 -10.18 4.50 3.27
C ILE A 238 -11.54 5.12 3.63
N PHE A 239 -12.48 4.29 4.06
CA PHE A 239 -13.82 4.78 4.33
C PHE A 239 -13.98 5.52 5.66
N SER A 240 -13.00 5.36 6.53
CA SER A 240 -12.91 6.21 7.73
C SER A 240 -12.25 7.54 7.39
N LEU A 241 -11.77 7.67 6.15
CA LEU A 241 -10.99 8.83 5.69
C LEU A 241 -9.69 9.03 6.45
N GLY A 242 -8.94 7.95 6.68
CA GLY A 242 -7.58 8.10 7.13
C GLY A 242 -7.33 7.97 8.62
N TYR A 243 -8.32 7.48 9.37
CA TYR A 243 -8.12 7.20 10.79
C TYR A 243 -7.22 5.99 10.98
N MET A 244 -6.52 5.97 12.11
CA MET A 244 -5.77 4.81 12.55
C MET A 244 -6.74 3.68 12.93
N PRO A 245 -6.48 2.46 12.44
CA PRO A 245 -7.29 1.29 12.77
C PRO A 245 -7.35 0.99 14.28
N TYR A 246 -8.47 0.39 14.70
CA TYR A 246 -8.70 0.05 16.11
C TYR A 246 -8.45 1.23 17.02
N PRO A 247 -9.29 2.28 16.89
CA PRO A 247 -9.11 3.53 17.62
C PRO A 247 -8.95 3.28 19.13
N SER A 248 -7.86 3.81 19.69
CA SER A 248 -7.63 3.81 21.13
C SER A 248 -7.02 2.52 21.65
N LYS A 249 -6.94 1.51 20.79
CA LYS A 249 -6.34 0.23 21.18
C LYS A 249 -4.85 0.17 20.83
N SER A 250 -4.06 -0.36 21.76
CA SER A 250 -2.65 -0.61 21.49
C SER A 250 -2.50 -1.88 20.66
N ASN A 251 -1.27 -2.20 20.27
CA ASN A 251 -1.01 -3.41 19.51
C ASN A 251 -1.44 -4.66 20.26
N GLN A 252 -1.05 -4.77 21.52
CA GLN A 252 -1.37 -5.97 22.30
C GLN A 252 -2.87 -6.12 22.50
N GLU A 253 -3.55 -4.99 22.70
CA GLU A 253 -4.98 -5.01 22.87
C GLU A 253 -5.67 -5.42 21.57
N VAL A 254 -5.10 -5.00 20.44
CA VAL A 254 -5.62 -5.42 19.15
C VAL A 254 -5.41 -6.91 18.94
N LEU A 255 -4.22 -7.39 19.30
CA LEU A 255 -3.89 -8.79 19.17
C LEU A 255 -4.91 -9.64 19.93
N GLU A 256 -5.19 -9.26 21.17
CA GLU A 256 -6.12 -10.00 22.02
C GLU A 256 -7.56 -9.83 21.54
N PHE A 257 -7.91 -8.62 21.14
CA PHE A 257 -9.23 -8.32 20.57
C PHE A 257 -9.51 -9.20 19.36
N VAL A 258 -8.62 -9.15 18.37
CA VAL A 258 -8.84 -9.87 17.12
C VAL A 258 -8.78 -11.39 17.30
N THR A 259 -7.91 -11.84 18.20
CA THR A 259 -7.78 -13.26 18.51
C THR A 259 -9.05 -13.80 19.17
N SER A 260 -9.79 -12.91 19.83
CA SER A 260 -11.03 -13.28 20.51
C SER A 260 -12.27 -13.14 19.63
N GLY A 261 -12.04 -12.84 18.35
CA GLY A 261 -13.17 -12.68 17.44
C GLY A 261 -13.66 -11.25 17.27
N GLY A 262 -12.97 -10.31 17.90
CA GLY A 262 -13.38 -8.91 17.77
C GLY A 262 -13.04 -8.32 16.40
N ARG A 263 -13.90 -7.43 15.92
CA ARG A 263 -13.67 -6.74 14.65
C ARG A 263 -14.05 -5.27 14.78
N MET A 264 -13.48 -4.43 13.92
CA MET A 264 -13.81 -3.01 13.94
C MET A 264 -15.27 -2.80 13.57
N ASP A 265 -15.86 -1.77 14.16
CA ASP A 265 -17.18 -1.28 13.74
C ASP A 265 -17.03 -0.57 12.39
N PRO A 266 -18.15 -0.33 11.70
CA PRO A 266 -18.12 0.40 10.44
C PRO A 266 -17.58 1.82 10.65
N PRO A 267 -16.84 2.34 9.65
CA PRO A 267 -16.49 3.76 9.69
C PRO A 267 -17.76 4.62 9.67
N LYS A 268 -17.63 5.86 10.12
CA LYS A 268 -18.78 6.77 10.15
C LYS A 268 -19.42 6.89 8.77
N ASN A 269 -20.73 6.62 8.69
CA ASN A 269 -21.50 6.75 7.46
C ASN A 269 -21.21 5.66 6.42
N CYS A 270 -20.42 4.65 6.78
CA CYS A 270 -20.06 3.61 5.82
C CYS A 270 -21.29 2.80 5.42
N PRO A 271 -21.52 2.66 4.10
CA PRO A 271 -22.63 1.83 3.60
C PRO A 271 -22.47 0.37 3.99
N GLY A 272 -23.59 -0.29 4.29
CA GLY A 272 -23.54 -1.69 4.67
C GLY A 272 -22.84 -2.60 3.69
N PRO A 273 -23.06 -2.41 2.37
CA PRO A 273 -22.39 -3.29 1.40
C PRO A 273 -20.87 -3.20 1.45
N VAL A 274 -20.36 -2.03 1.81
CA VAL A 274 -18.92 -1.83 1.87
C VAL A 274 -18.37 -2.44 3.17
N TYR A 275 -19.08 -2.23 4.28
CA TYR A 275 -18.68 -2.83 5.54
C TYR A 275 -18.68 -4.35 5.43
N ARG A 276 -19.59 -4.88 4.62
CA ARG A 276 -19.73 -6.32 4.43
C ARG A 276 -18.50 -6.91 3.76
N ILE A 277 -17.90 -6.13 2.87
CA ILE A 277 -16.64 -6.53 2.25
C ILE A 277 -15.57 -6.65 3.32
N MET A 278 -15.46 -5.62 4.15
CA MET A 278 -14.53 -5.64 5.27
C MET A 278 -14.69 -6.90 6.12
N THR A 279 -15.92 -7.17 6.55
CA THR A 279 -16.14 -8.26 7.51
C THR A 279 -15.86 -9.62 6.88
N GLN A 280 -16.05 -9.73 5.57
CA GLN A 280 -15.66 -10.95 4.86
C GLN A 280 -14.15 -11.08 4.76
N CYS A 281 -13.46 -9.96 4.59
CA CYS A 281 -12.00 -9.96 4.57
C CYS A 281 -11.42 -10.39 5.94
N TRP A 282 -12.17 -10.13 7.00
CA TRP A 282 -11.70 -10.43 8.34
C TRP A 282 -12.20 -11.77 8.89
N GLN A 283 -12.57 -12.69 8.01
CA GLN A 283 -12.99 -14.01 8.48
C GLN A 283 -11.81 -14.69 9.17
N HIS A 284 -12.09 -15.39 10.27
CA HIS A 284 -11.04 -15.98 11.09
C HIS A 284 -10.26 -17.05 10.33
N GLN A 285 -10.98 -17.91 9.60
CA GLN A 285 -10.35 -18.91 8.77
C GLN A 285 -9.93 -18.31 7.43
N PRO A 286 -8.65 -18.45 7.07
CA PRO A 286 -8.19 -17.89 5.79
C PRO A 286 -8.94 -18.43 4.58
N GLU A 287 -9.40 -19.68 4.66
CA GLU A 287 -10.15 -20.27 3.56
C GLU A 287 -11.54 -19.66 3.40
N ASP A 288 -12.05 -19.04 4.46
CA ASP A 288 -13.36 -18.41 4.40
C ASP A 288 -13.29 -16.98 3.84
N ARG A 289 -12.09 -16.46 3.66
CA ARG A 289 -11.94 -15.08 3.17
C ARG A 289 -11.89 -15.09 1.65
N PRO A 290 -12.46 -14.05 1.01
CA PRO A 290 -12.52 -13.97 -0.46
C PRO A 290 -11.15 -13.73 -1.08
N ASN A 291 -10.94 -14.25 -2.29
CA ASN A 291 -9.75 -13.88 -3.06
C ASN A 291 -10.02 -12.53 -3.70
N PHE A 292 -9.03 -11.98 -4.39
CA PHE A 292 -9.20 -10.61 -4.86
C PHE A 292 -10.10 -10.47 -6.07
N ALA A 293 -10.29 -11.55 -6.82
CA ALA A 293 -11.24 -11.54 -7.91
C ALA A 293 -12.64 -11.30 -7.36
N ILE A 294 -12.94 -11.93 -6.22
CA ILE A 294 -14.23 -11.76 -5.57
C ILE A 294 -14.33 -10.36 -4.96
N ILE A 295 -13.28 -9.93 -4.27
CA ILE A 295 -13.27 -8.59 -3.70
C ILE A 295 -13.57 -7.55 -4.79
N LEU A 296 -12.92 -7.69 -5.95
CA LEU A 296 -13.15 -6.76 -7.06
C LEU A 296 -14.59 -6.81 -7.57
N GLU A 297 -15.16 -8.00 -7.64
CA GLU A 297 -16.57 -8.13 -8.03
C GLU A 297 -17.47 -7.36 -7.07
N ARG A 298 -17.19 -7.49 -5.77
CA ARG A 298 -18.04 -6.86 -4.77
C ARG A 298 -17.86 -5.35 -4.74
N ILE A 299 -16.63 -4.88 -4.95
CA ILE A 299 -16.37 -3.45 -5.03
C ILE A 299 -17.10 -2.89 -6.25
N GLU A 300 -17.06 -3.64 -7.35
CA GLU A 300 -17.80 -3.25 -8.55
C GLU A 300 -19.28 -3.10 -8.28
N TYR A 301 -19.86 -4.06 -7.56
CA TYR A 301 -21.28 -4.00 -7.26
C TYR A 301 -21.62 -2.76 -6.44
N CYS A 302 -20.73 -2.42 -5.51
CA CYS A 302 -20.95 -1.25 -4.66
C CYS A 302 -20.97 0.03 -5.48
N THR A 303 -20.12 0.09 -6.51
CA THR A 303 -20.05 1.30 -7.34
C THR A 303 -21.28 1.44 -8.23
N GLN A 304 -21.98 0.34 -8.46
CA GLN A 304 -23.18 0.35 -9.30
C GLN A 304 -24.43 0.64 -8.49
N ASP A 305 -24.33 0.46 -7.17
CA ASP A 305 -25.47 0.57 -6.27
C ASP A 305 -25.68 2.03 -5.86
N PRO A 306 -26.78 2.64 -6.34
CA PRO A 306 -27.07 4.04 -6.01
C PRO A 306 -27.16 4.31 -4.51
N ASP A 307 -27.69 3.35 -3.76
CA ASP A 307 -27.79 3.53 -2.31
C ASP A 307 -26.39 3.66 -1.67
N VAL A 308 -25.39 3.04 -2.28
CA VAL A 308 -24.02 3.18 -1.79
C VAL A 308 -23.39 4.51 -2.17
N ILE A 309 -23.34 4.82 -3.46
CA ILE A 309 -22.62 6.00 -3.93
C ILE A 309 -23.35 7.32 -3.68
N ASN A 310 -24.66 7.25 -3.45
CA ASN A 310 -25.42 8.43 -3.07
C ASN A 310 -25.28 8.78 -1.58
N THR A 311 -24.55 7.95 -0.84
CA THR A 311 -24.37 8.20 0.60
C THR A 311 -23.31 9.27 0.83
N ALA A 312 -23.67 10.30 1.58
CA ALA A 312 -22.76 11.42 1.83
C ALA A 312 -21.72 11.03 2.85
N LEU A 313 -20.47 11.42 2.58
CA LEU A 313 -19.40 11.26 3.56
C LEU A 313 -19.60 12.25 4.69
N PRO A 314 -19.12 11.91 5.90
CA PRO A 314 -19.21 12.86 7.02
C PRO A 314 -18.42 14.12 6.72
N ILE A 315 -18.93 15.25 7.18
CA ILE A 315 -18.23 16.52 7.02
C ILE A 315 -17.57 16.88 8.33
N GLU A 316 -16.27 17.13 8.26
CA GLU A 316 -15.46 17.39 9.44
C GLU A 316 -15.50 18.88 9.74
N TYR A 317 -16.03 19.23 10.91
CA TYR A 317 -16.02 20.61 11.37
C TYR A 317 -14.71 20.86 12.10
N GLY A 318 -13.99 21.78 11.68
#